data_8OPS
#
_entry.id   8OPS
#
_cell.length_a   1.00
_cell.length_b   1.00
_cell.length_c   1.00
_cell.angle_alpha   90.00
_cell.angle_beta   90.00
_cell.angle_gamma   90.00
#
_symmetry.space_group_name_H-M   'P 1'
#
loop_
_entity.id
_entity.type
_entity.pdbx_description
1 polymer 'Terminal uridylyltransferase 7'
2 polymer 'Protein lin-28 homolog A'
3 polymer 'RNA (71-MER) Let7g'
4 non-polymer 'ZINC ION'
#
loop_
_entity_poly.entity_id
_entity_poly.type
_entity_poly.pdbx_seq_one_letter_code
_entity_poly.pdbx_strand_id
1 'polypeptide(L)'
;MGDTAKPYFVKRTKDRGTMDDDDFRRGHPQQDYLIIDDHAKGHGSKMEKGLQKKKITPGNYGNTPRKGPCAVSSNPYAFK
NPIYSQPAWMNDSHKDQSKRWLSDEHTGNSDNWREFKPGPRIPVINRQRKDSFQENEDGYRWQDTRGCRTVRRLFHKDLT
SLETTSEMEAGSPENKKQRSRPRKPRKTRNEENEQDGDLEGPVIDESVLSTKELLGLQQAEERLKRDCIDRLKRRPRNYP
TAKYTCRLCDVLIESIAFAHKHIKEKRHKKNIKEKQEEELLTTLPPPTPSQINAVGIAIDKVVQEFGLHNENLEQRLEIK
RIMENVFQHKLPDCSLRLYGSSCSRLGFKNSDVNIDIQFPAIMSQPDVLLLVQECLKNSDSFIDVDADFHARVPVVVCRE
KQSGLLCKVSAGNENACLTTKHLTALGKLEPKLVPLVIAFRYWAKLCSIDRPEEGGLPPYVFALMAIFFLQQRKEPLLPV
YLGSWIEGFSLSKLGNFNLQDIEKDVVIWEHTDSAAGDTGITKEEAPRETPIKRGQVSLILDVKHQPSVPVGQLWVELLR
FYALEFNLADLVISIRVKELVSRELKDWPKKRIAIEDPYSVKRNVARTLNSQPVFEYILHCLRTTYKYFALPHKITKSSL
LKPLNAITCISEHSKEVINHHPDVQTKDDKLKNSVLAQGPGATSSAANTCKVQPLTLKETAESFGSPPKEEMGNEHISVH
PENSDCIQADVNSDDYKGDKVYHPETGRKNEKEKVGRKGKHLLTVDQKRGEHVVCGSTRNNESESTLDLEGFQNPTAKEC
EGLATLDNKADLDGESTEGTEELEDSLNHFTHSVQGQTSEMIPSDEEEEDDEEEEEEEEPRLTINQREDEDGMANEDELD
NTYTGSGDEDALSEEDDELGEAAKYEDVKECGKHVERALLVELNKISLKEENVCEEKNSPVDQSDFFYEFSKLIFTKGKS
PTVVCSLCKREGHLKKDCPEDFKRIQLEPLPPLTPKFLNILDQVCIQCYKDFSPTIIEDQAREHIRQNLESFIRQDFPGT
KLSLFGSSKNGFGFKQSDLDVCMTINGLETAEGLDCVRTIEELARVLRKHSGLRNILPITTAKVPIVKFFHLRSGLEVDI
SLYNTLALHNTRLLSAYSAIDPRVKYLCYTMKVFTKMCDIGDASRGSLSSYAYTLMVLYFLQQRNPPVIPVLQEIYKGEK
KPEIFVDGWNIYFFDQIDELPTYWSECGKNTESVGQLWLGLLRFYTEEFDFKEHVISIRRKSLLTTFKKQWTSKYIVIED
PFDLNHNLGAGLSRKMTNFIMKAFINGRRVFGIPVKGFPKDYPSKMEYFFDPDVLTEGELAPNDRCCRICGKIGHFMKDC
PMRRKVRRRRDQEDALNQRYPENKEKRSKEDKEIHNKYTEREVSTKEDKPIQCTPQKAKPMRAAADLGREKILRPPVEKW
KRQDDKDLREKRCFICGREGHIKKECPQFKGSSGSLSSKYMTQGKASAKRTQQES
;
A
2 'polypeptide(L)'
;MGSVSNQQFAGGCAKAAEEAPEEAPEDAARAADEPQLLHGAGICKWFNVRMGFGFLSMTARAGVALDPPVDVFVHQSKLH
MEGFRSLKEGEAVEFTFKKSAKGLESIRVTGPGGVFCIGSERRPKGKSMQKRRSKGDRCYNCGGLDHHAKECKLPPQPKK
CHFCQSISHMVASCPLKAQQGPSAQGKPTYFREEEEEIHSPTLLPEAQN
;
B
3 'polyribonucleotide' GGUAGUAAUUUGUACAGUUUGAGGGUCUAUGAUACCACCCGGUACAGGAGAUAACUGUACAGGCCACUGCU C
#
loop_
_chem_comp.id
_chem_comp.type
_chem_comp.name
_chem_comp.formula
A RNA linking ADENOSINE-5'-MONOPHOSPHATE 'C10 H14 N5 O7 P'
C RNA linking CYTIDINE-5'-MONOPHOSPHATE 'C9 H14 N3 O8 P'
G RNA linking GUANOSINE-5'-MONOPHOSPHATE 'C10 H14 N5 O8 P'
U RNA linking URIDINE-5'-MONOPHOSPHATE 'C9 H13 N2 O9 P'
ZN non-polymer 'ZINC ION' 'Zn 2'
#
# COMPACT_ATOMS: atom_id res chain seq x y z
N LEU A 199 -22.67 -34.94 -5.88
CA LEU A 199 -21.94 -33.68 -5.81
C LEU A 199 -20.43 -33.91 -5.87
N GLU A 200 -20.01 -35.13 -5.55
CA GLU A 200 -18.60 -35.48 -5.58
C GLU A 200 -18.08 -35.79 -6.98
N GLY A 201 -18.95 -35.84 -7.97
CA GLY A 201 -18.53 -36.13 -9.33
C GLY A 201 -17.84 -34.95 -9.98
N PRO A 202 -17.17 -35.21 -11.09
CA PRO A 202 -16.47 -34.14 -11.79
C PRO A 202 -17.42 -33.15 -12.43
N VAL A 203 -16.93 -31.90 -12.56
CA VAL A 203 -17.72 -30.86 -13.20
C VAL A 203 -18.04 -31.24 -14.64
N ILE A 204 -17.03 -31.71 -15.37
CA ILE A 204 -17.19 -32.25 -16.71
C ILE A 204 -16.63 -33.67 -16.70
N ASP A 205 -17.46 -34.64 -17.11
CA ASP A 205 -17.09 -36.04 -17.03
C ASP A 205 -16.44 -36.47 -18.33
N GLU A 206 -15.20 -36.94 -18.25
CA GLU A 206 -14.52 -37.47 -19.43
C GLU A 206 -15.12 -38.79 -19.88
N SER A 207 -15.56 -39.62 -18.91
CA SER A 207 -16.10 -40.93 -19.27
C SER A 207 -17.36 -40.81 -20.12
N VAL A 208 -18.26 -39.89 -19.76
CA VAL A 208 -19.50 -39.73 -20.52
C VAL A 208 -19.20 -39.25 -21.94
N LEU A 209 -18.23 -38.34 -22.07
CA LEU A 209 -17.84 -37.85 -23.39
C LEU A 209 -16.96 -38.86 -24.10
N SER A 210 -17.03 -38.85 -25.43
CA SER A 210 -16.15 -39.69 -26.23
C SER A 210 -14.74 -39.12 -26.25
N THR A 211 -13.79 -39.95 -26.70
CA THR A 211 -12.41 -39.51 -26.77
C THR A 211 -12.26 -38.31 -27.70
N LYS A 212 -12.94 -38.34 -28.85
CA LYS A 212 -12.94 -37.18 -29.74
C LYS A 212 -13.58 -35.97 -29.06
N GLU A 213 -14.72 -36.18 -28.39
CA GLU A 213 -15.34 -35.10 -27.65
C GLU A 213 -14.44 -34.63 -26.51
N LEU A 214 -13.77 -35.56 -25.84
CA LEU A 214 -12.88 -35.18 -24.74
C LEU A 214 -11.74 -34.29 -25.27
N LEU A 215 -11.16 -34.67 -26.41
CA LEU A 215 -10.08 -33.86 -26.98
C LEU A 215 -10.60 -32.49 -27.41
N GLY A 216 -11.79 -32.43 -27.99
CA GLY A 216 -12.36 -31.15 -28.33
C GLY A 216 -12.57 -30.25 -27.12
N LEU A 217 -13.10 -30.82 -26.04
CA LEU A 217 -13.30 -30.05 -24.82
C LEU A 217 -11.96 -29.62 -24.23
N GLN A 218 -10.93 -30.46 -24.33
CA GLN A 218 -9.61 -30.07 -23.86
C GLN A 218 -9.07 -28.89 -24.67
N GLN A 219 -9.28 -28.90 -25.99
CA GLN A 219 -8.86 -27.76 -26.79
C GLN A 219 -9.64 -26.50 -26.40
N ALA A 220 -10.94 -26.64 -26.16
CA ALA A 220 -11.73 -25.50 -25.72
C ALA A 220 -11.22 -24.95 -24.38
N GLU A 221 -10.88 -25.85 -23.45
CA GLU A 221 -10.33 -25.43 -22.17
C GLU A 221 -8.95 -24.79 -22.32
N GLU A 222 -8.14 -25.24 -23.29
CA GLU A 222 -6.89 -24.55 -23.56
C GLU A 222 -7.13 -23.13 -24.04
N ARG A 223 -8.09 -22.96 -24.96
CA ARG A 223 -8.47 -21.60 -25.36
C ARG A 223 -8.88 -20.78 -24.14
N LEU A 224 -9.76 -21.34 -23.31
CA LEU A 224 -10.20 -20.63 -22.11
C LEU A 224 -9.03 -20.26 -21.21
N LYS A 225 -8.05 -21.16 -21.09
CA LYS A 225 -6.87 -20.87 -20.30
C LYS A 225 -6.10 -19.69 -20.88
N ARG A 226 -5.97 -19.64 -22.21
CA ARG A 226 -5.32 -18.49 -22.82
C ARG A 226 -6.04 -17.19 -22.49
N ASP A 227 -7.36 -17.25 -22.28
CA ASP A 227 -8.14 -16.09 -21.89
C ASP A 227 -8.26 -15.93 -20.38
N CYS A 228 -7.55 -16.74 -19.60
CA CYS A 228 -7.56 -16.70 -18.14
C CYS A 228 -8.83 -17.31 -17.55
N ILE A 229 -9.57 -18.09 -18.33
CA ILE A 229 -10.76 -18.80 -17.85
C ILE A 229 -10.34 -20.24 -17.55
N ASP A 230 -10.65 -20.70 -16.34
CA ASP A 230 -10.21 -22.02 -15.88
C ASP A 230 -11.43 -22.82 -15.42
N ARG A 231 -11.53 -24.06 -15.89
CA ARG A 231 -12.65 -24.91 -15.50
C ARG A 231 -12.58 -25.25 -14.02
N LEU A 232 -13.74 -25.24 -13.36
CA LEU A 232 -13.81 -25.61 -11.96
C LEU A 232 -13.40 -27.06 -11.78
N LYS A 233 -12.49 -27.30 -10.83
CA LYS A 233 -12.07 -28.67 -10.55
C LYS A 233 -13.23 -29.50 -9.99
N ARG A 234 -14.02 -28.92 -9.09
CA ARG A 234 -15.18 -29.57 -8.51
C ARG A 234 -16.35 -28.60 -8.49
N ARG A 235 -17.55 -29.16 -8.46
CA ARG A 235 -18.76 -28.35 -8.46
C ARG A 235 -18.82 -27.54 -7.17
N PRO A 236 -18.88 -26.21 -7.23
CA PRO A 236 -19.05 -25.44 -5.98
C PRO A 236 -20.35 -25.81 -5.29
N ARG A 237 -20.27 -25.92 -3.95
CA ARG A 237 -21.45 -26.27 -3.18
C ARG A 237 -22.51 -25.18 -3.27
N ASN A 238 -22.10 -23.92 -3.15
CA ASN A 238 -23.07 -22.83 -3.20
C ASN A 238 -23.63 -22.65 -4.61
N TYR A 239 -22.76 -22.70 -5.63
CA TYR A 239 -23.16 -22.48 -7.01
C TYR A 239 -22.58 -23.59 -7.88
N PRO A 240 -23.14 -24.81 -7.78
CA PRO A 240 -22.63 -25.90 -8.62
C PRO A 240 -22.88 -25.70 -10.11
N THR A 241 -23.77 -24.79 -10.49
CA THR A 241 -24.09 -24.60 -11.91
C THR A 241 -22.87 -24.13 -12.69
N ALA A 242 -22.07 -23.25 -12.11
CA ALA A 242 -20.90 -22.72 -12.81
C ALA A 242 -19.94 -23.85 -13.17
N LYS A 243 -19.47 -23.84 -14.41
CA LYS A 243 -18.49 -24.81 -14.89
C LYS A 243 -17.09 -24.22 -15.02
N TYR A 244 -16.95 -22.90 -14.96
CA TYR A 244 -15.65 -22.25 -15.13
C TYR A 244 -15.59 -21.02 -14.24
N THR A 245 -14.38 -20.47 -14.12
CA THR A 245 -14.18 -19.23 -13.38
C THR A 245 -13.20 -18.35 -14.13
N CYS A 246 -13.38 -17.04 -13.98
CA CYS A 246 -12.50 -16.04 -14.56
C CYS A 246 -11.61 -15.48 -13.45
N ARG A 247 -10.30 -15.73 -13.56
CA ARG A 247 -9.35 -15.26 -12.56
C ARG A 247 -9.27 -13.74 -12.56
N LEU A 248 -9.31 -13.12 -13.74
CA LEU A 248 -9.16 -11.66 -13.82
C LEU A 248 -10.21 -10.96 -12.98
N CYS A 249 -11.46 -11.38 -13.08
CA CYS A 249 -12.55 -10.81 -12.30
C CYS A 249 -13.02 -11.72 -11.18
N ASP A 250 -12.46 -12.93 -11.08
CA ASP A 250 -12.91 -13.91 -10.09
C ASP A 250 -14.41 -14.16 -10.22
N VAL A 251 -14.86 -14.30 -11.47
CA VAL A 251 -16.28 -14.34 -11.79
C VAL A 251 -16.64 -15.73 -12.28
N LEU A 252 -17.68 -16.31 -11.68
CA LEU A 252 -18.15 -17.63 -12.12
C LEU A 252 -18.78 -17.54 -13.51
N ILE A 253 -18.54 -18.57 -14.31
CA ILE A 253 -19.01 -18.64 -15.69
C ILE A 253 -19.71 -19.99 -15.88
N GLU A 254 -20.95 -19.95 -16.36
CA GLU A 254 -21.73 -21.18 -16.49
C GLU A 254 -21.25 -22.02 -17.66
N SER A 255 -20.95 -21.39 -18.80
CA SER A 255 -20.63 -22.09 -20.03
C SER A 255 -19.50 -21.40 -20.76
N ILE A 256 -18.93 -22.10 -21.74
CA ILE A 256 -17.83 -21.55 -22.53
C ILE A 256 -18.29 -20.29 -23.26
N ALA A 257 -19.51 -20.31 -23.78
CA ALA A 257 -20.05 -19.14 -24.44
C ALA A 257 -20.16 -17.98 -23.46
N PHE A 258 -20.54 -18.26 -22.22
CA PHE A 258 -20.54 -17.23 -21.20
C PHE A 258 -19.12 -16.71 -20.95
N ALA A 259 -18.12 -17.58 -21.06
CA ALA A 259 -16.74 -17.14 -20.92
C ALA A 259 -16.36 -16.17 -22.02
N HIS A 260 -16.75 -16.46 -23.27
CA HIS A 260 -16.51 -15.50 -24.35
C HIS A 260 -17.27 -14.20 -24.11
N LYS A 261 -18.51 -14.29 -23.63
CA LYS A 261 -19.27 -13.07 -23.34
C LYS A 261 -18.56 -12.23 -22.29
N HIS A 262 -18.02 -12.87 -21.26
CA HIS A 262 -17.25 -12.16 -20.23
C HIS A 262 -15.99 -11.55 -20.83
N ILE A 263 -15.32 -12.27 -21.73
CA ILE A 263 -14.12 -11.74 -22.37
C ILE A 263 -14.47 -10.48 -23.16
N LYS A 264 -15.64 -10.47 -23.80
CA LYS A 264 -16.07 -9.28 -24.54
C LYS A 264 -16.21 -8.07 -23.62
N GLU A 265 -16.54 -8.29 -22.36
CA GLU A 265 -16.80 -7.19 -21.44
C GLU A 265 -15.54 -6.37 -21.22
N LYS A 266 -15.73 -5.06 -21.04
CA LYS A 266 -14.59 -4.14 -20.95
C LYS A 266 -13.73 -4.45 -19.73
N ARG A 267 -14.35 -4.91 -18.64
CA ARG A 267 -13.59 -5.18 -17.42
C ARG A 267 -12.53 -6.25 -17.65
N HIS A 268 -12.87 -7.29 -18.41
CA HIS A 268 -11.89 -8.33 -18.71
C HIS A 268 -10.72 -7.76 -19.51
N LYS A 269 -11.01 -6.89 -20.48
CA LYS A 269 -9.93 -6.27 -21.25
C LYS A 269 -9.04 -5.41 -20.36
N LYS A 270 -9.65 -4.63 -19.46
CA LYS A 270 -8.85 -3.82 -18.55
C LYS A 270 -7.97 -4.68 -17.65
N ASN A 271 -8.52 -5.78 -17.14
CA ASN A 271 -7.75 -6.64 -16.25
C ASN A 271 -6.63 -7.37 -16.99
N ILE A 272 -6.89 -7.80 -18.22
CA ILE A 272 -5.83 -8.46 -18.99
C ILE A 272 -4.74 -7.46 -19.36
N LYS A 273 -5.12 -6.21 -19.65
CA LYS A 273 -4.12 -5.17 -19.86
C LYS A 273 -3.29 -4.94 -18.61
N GLU A 274 -3.94 -4.93 -17.44
CA GLU A 274 -3.20 -4.76 -16.19
C GLU A 274 -2.23 -5.92 -15.98
N LYS A 275 -2.67 -7.15 -16.25
CA LYS A 275 -1.79 -8.30 -16.11
C LYS A 275 -0.61 -8.21 -17.08
N GLN A 276 -0.88 -7.78 -18.31
CA GLN A 276 0.21 -7.62 -19.28
C GLN A 276 1.22 -6.58 -18.80
N GLU A 277 0.73 -5.46 -18.26
CA GLU A 277 1.63 -4.45 -17.71
C GLU A 277 2.45 -5.03 -16.55
N GLU A 278 1.81 -5.81 -15.68
CA GLU A 278 2.53 -6.43 -14.58
C GLU A 278 3.63 -7.36 -15.08
N GLU A 279 3.31 -8.19 -16.08
CA GLU A 279 4.33 -9.08 -16.64
C GLU A 279 5.47 -8.30 -17.27
N LEU A 280 5.15 -7.23 -18.00
CA LEU A 280 6.19 -6.41 -18.60
C LEU A 280 7.10 -5.80 -17.54
N LEU A 281 6.50 -5.32 -16.44
CA LEU A 281 7.29 -4.76 -15.36
C LEU A 281 8.16 -5.84 -14.71
N THR A 282 7.65 -7.07 -14.65
CA THR A 282 8.38 -8.14 -13.96
C THR A 282 9.73 -8.40 -14.62
N THR A 283 9.79 -8.34 -15.95
CA THR A 283 11.00 -8.66 -16.69
C THR A 283 11.98 -7.50 -16.80
N LEU A 284 11.63 -6.33 -16.27
CA LEU A 284 12.55 -5.21 -16.32
C LEU A 284 13.83 -5.54 -15.55
N PRO A 285 15.00 -5.30 -16.13
CA PRO A 285 16.24 -5.67 -15.43
C PRO A 285 16.44 -4.78 -14.21
N PRO A 286 17.11 -5.30 -13.17
CA PRO A 286 17.50 -4.43 -12.07
C PRO A 286 18.35 -3.28 -12.57
N PRO A 287 18.38 -2.16 -11.87
CA PRO A 287 19.10 -0.98 -12.36
C PRO A 287 20.61 -1.17 -12.29
N THR A 288 21.30 -0.64 -13.31
CA THR A 288 22.75 -0.75 -13.38
C THR A 288 23.38 0.19 -12.36
N PRO A 289 24.66 -0.01 -12.04
CA PRO A 289 25.29 0.85 -11.02
C PRO A 289 25.16 2.33 -11.32
N SER A 290 25.27 2.72 -12.59
CA SER A 290 25.05 4.11 -12.97
C SER A 290 23.62 4.54 -12.69
N GLN A 291 22.64 3.67 -12.98
CA GLN A 291 21.25 4.01 -12.68
C GLN A 291 21.03 4.16 -11.19
N ILE A 292 21.62 3.28 -10.38
CA ILE A 292 21.49 3.40 -8.93
C ILE A 292 22.11 4.70 -8.44
N ASN A 293 23.28 5.05 -8.96
CA ASN A 293 23.91 6.31 -8.57
C ASN A 293 23.04 7.50 -8.95
N ALA A 294 22.46 7.47 -10.15
CA ALA A 294 21.59 8.57 -10.59
C ALA A 294 20.36 8.68 -9.69
N VAL A 295 19.77 7.54 -9.33
CA VAL A 295 18.61 7.56 -8.44
C VAL A 295 18.98 8.12 -7.08
N GLY A 296 20.15 7.73 -6.56
CA GLY A 296 20.59 8.28 -5.29
C GLY A 296 20.82 9.79 -5.36
N ILE A 297 21.41 10.26 -6.45
CA ILE A 297 21.63 11.70 -6.61
C ILE A 297 20.29 12.42 -6.69
N ALA A 298 19.33 11.85 -7.40
CA ALA A 298 18.01 12.47 -7.50
C ALA A 298 17.34 12.52 -6.13
N ILE A 299 17.47 11.44 -5.34
CA ILE A 299 16.88 11.43 -4.01
C ILE A 299 17.52 12.50 -3.13
N ASP A 300 18.85 12.64 -3.21
CA ASP A 300 19.54 13.67 -2.44
C ASP A 300 19.08 15.06 -2.86
N LYS A 301 18.93 15.28 -4.16
CA LYS A 301 18.45 16.57 -4.65
C LYS A 301 17.04 16.85 -4.15
N VAL A 302 16.18 15.84 -4.15
CA VAL A 302 14.83 16.01 -3.63
C VAL A 302 14.87 16.36 -2.15
N VAL A 303 15.74 15.68 -1.40
CA VAL A 303 15.87 15.97 0.03
C VAL A 303 16.28 17.41 0.24
N GLN A 304 17.28 17.88 -0.52
CA GLN A 304 17.74 19.25 -0.37
C GLN A 304 16.65 20.24 -0.74
N GLU A 305 15.93 19.98 -1.84
CA GLU A 305 14.91 20.92 -2.31
C GLU A 305 13.75 21.01 -1.32
N PHE A 306 13.21 19.86 -0.89
CA PHE A 306 12.07 19.80 0.03
C PHE A 306 12.40 18.77 1.11
N GLY A 307 13.02 19.24 2.19
CA GLY A 307 13.37 18.37 3.30
C GLY A 307 13.66 19.17 4.56
N LEU A 308 13.32 18.62 5.73
CA LEU A 308 13.51 19.37 6.97
C LEU A 308 14.95 19.17 7.44
N HIS A 309 15.62 20.26 7.74
CA HIS A 309 17.01 20.22 8.19
C HIS A 309 17.07 20.67 9.64
N ASN A 310 18.29 20.69 10.18
CA ASN A 310 18.47 21.12 11.57
C ASN A 310 18.06 22.58 11.74
N GLU A 311 18.44 23.44 10.81
CA GLU A 311 18.10 24.86 10.93
C GLU A 311 16.59 25.07 10.90
N ASN A 312 15.88 24.31 10.08
CA ASN A 312 14.43 24.38 10.09
C ASN A 312 13.87 23.97 11.45
N LEU A 313 14.47 22.95 12.06
CA LEU A 313 14.04 22.53 13.39
C LEU A 313 14.32 23.63 14.42
N GLU A 314 15.44 24.34 14.29
CA GLU A 314 15.71 25.46 15.21
C GLU A 314 14.69 26.58 15.02
N GLN A 315 14.35 26.91 13.77
CA GLN A 315 13.33 27.93 13.53
C GLN A 315 11.99 27.50 14.12
N ARG A 316 11.62 26.23 13.95
CA ARG A 316 10.39 25.72 14.54
C ARG A 316 10.44 25.76 16.07
N LEU A 317 11.60 25.46 16.66
CA LEU A 317 11.74 25.59 18.11
C LEU A 317 11.57 27.04 18.54
N GLU A 318 12.06 27.98 17.73
CA GLU A 318 11.83 29.39 18.02
C GLU A 318 10.35 29.73 17.98
N ILE A 319 9.62 29.17 17.01
CA ILE A 319 8.18 29.38 16.95
C ILE A 319 7.51 28.84 18.22
N LYS A 320 7.91 27.64 18.65
CA LYS A 320 7.35 27.10 19.89
C LYS A 320 7.72 27.97 21.08
N ARG A 321 8.92 28.56 21.05
CA ARG A 321 9.32 29.45 22.14
C ARG A 321 8.43 30.68 22.19
N ILE A 322 8.09 31.23 21.02
CA ILE A 322 7.14 32.34 20.97
C ILE A 322 5.79 31.90 21.55
N MET A 323 5.33 30.71 21.18
CA MET A 323 4.08 30.20 21.73
C MET A 323 4.15 30.09 23.25
N GLU A 324 5.24 29.56 23.77
CA GLU A 324 5.39 29.43 25.22
C GLU A 324 5.41 30.81 25.88
N ASN A 325 6.07 31.78 25.24
CA ASN A 325 6.12 33.13 25.79
C ASN A 325 4.73 33.72 25.92
N VAL A 326 3.92 33.61 24.86
CA VAL A 326 2.59 34.23 24.91
C VAL A 326 1.66 33.46 25.83
N PHE A 327 1.78 32.13 25.89
CA PHE A 327 0.90 31.36 26.77
C PHE A 327 1.33 31.38 28.23
N GLN A 328 2.56 31.79 28.52
CA GLN A 328 3.04 31.72 29.90
C GLN A 328 2.23 32.62 30.83
N HIS A 329 1.87 33.81 30.35
CA HIS A 329 1.15 34.76 31.20
C HIS A 329 -0.14 34.14 31.74
N LYS A 330 -0.92 33.50 30.86
CA LYS A 330 -2.22 32.97 31.24
C LYS A 330 -2.17 31.53 31.74
N LEU A 331 -1.34 30.66 31.15
CA LEU A 331 -1.23 29.26 31.54
C LEU A 331 0.21 28.93 31.85
N PRO A 332 0.70 29.32 33.03
CA PRO A 332 2.05 28.89 33.44
C PRO A 332 2.19 27.38 33.53
N ASP A 333 1.14 26.69 33.98
CA ASP A 333 1.21 25.24 34.13
C ASP A 333 1.40 24.54 32.80
N CYS A 334 0.68 24.98 31.77
CA CYS A 334 0.72 24.31 30.48
C CYS A 334 2.09 24.50 29.82
N SER A 335 2.47 23.52 29.01
CA SER A 335 3.73 23.57 28.28
C SER A 335 3.49 23.08 26.85
N LEU A 336 4.46 23.35 25.98
CA LEU A 336 4.38 22.99 24.58
C LEU A 336 5.55 22.10 24.19
N ARG A 337 5.31 21.22 23.23
CA ARG A 337 6.33 20.31 22.72
C ARG A 337 6.13 20.16 21.21
N LEU A 338 7.20 19.76 20.52
CA LEU A 338 7.10 19.45 19.10
C LEU A 338 6.65 18.01 18.92
N TYR A 339 5.84 17.79 17.89
CA TYR A 339 5.38 16.45 17.55
C TYR A 339 5.03 16.42 16.06
N GLY A 340 4.71 15.23 15.57
CA GLY A 340 4.37 15.10 14.16
C GLY A 340 5.59 15.26 13.28
N SER A 341 5.43 16.04 12.21
CA SER A 341 6.53 16.24 11.26
C SER A 341 7.70 16.96 11.93
N SER A 342 7.41 17.83 12.89
CA SER A 342 8.44 18.67 13.49
C SER A 342 9.58 17.82 14.06
N CYS A 343 9.27 17.02 15.08
CA CYS A 343 10.32 16.25 15.75
C CYS A 343 10.90 15.18 14.82
N SER A 344 10.09 14.63 13.93
CA SER A 344 10.53 13.51 13.10
C SER A 344 11.72 13.89 12.23
N ARG A 345 11.67 15.05 11.59
CA ARG A 345 12.66 15.53 10.63
C ARG A 345 12.50 14.84 9.28
N LEU A 346 11.46 14.02 9.10
CA LEU A 346 11.24 13.31 7.85
C LEU A 346 10.24 14.00 6.93
N GLY A 347 9.57 15.06 7.41
CA GLY A 347 8.67 15.81 6.56
C GLY A 347 9.38 16.94 5.82
N PHE A 348 8.61 17.63 4.98
CA PHE A 348 9.17 18.75 4.24
C PHE A 348 9.41 19.94 5.16
N LYS A 349 10.26 20.86 4.71
CA LYS A 349 10.50 22.10 5.44
C LYS A 349 9.30 23.03 5.39
N ASN A 350 8.46 22.92 4.35
CA ASN A 350 7.25 23.72 4.26
C ASN A 350 6.08 23.14 5.04
N SER A 351 6.25 21.94 5.61
CA SER A 351 5.17 21.33 6.37
C SER A 351 4.80 22.21 7.56
N ASP A 352 3.50 22.28 7.85
CA ASP A 352 3.01 23.16 8.90
C ASP A 352 3.57 22.75 10.26
N VAL A 353 3.84 23.76 11.10
CA VAL A 353 4.30 23.51 12.45
C VAL A 353 3.22 22.74 13.19
N ASN A 354 3.64 21.73 13.95
CA ASN A 354 2.72 20.97 14.81
C ASN A 354 3.23 21.05 16.24
N ILE A 355 2.38 21.53 17.15
CA ILE A 355 2.72 21.67 18.56
C ILE A 355 1.68 20.95 19.39
N ASP A 356 2.13 20.27 20.44
CA ASP A 356 1.27 19.55 21.36
C ASP A 356 1.38 20.15 22.75
N ILE A 357 0.26 20.23 23.46
CA ILE A 357 0.19 20.85 24.78
C ILE A 357 0.20 19.77 25.85
N GLN A 358 1.02 19.96 26.86
CA GLN A 358 0.96 19.19 28.09
C GLN A 358 0.32 20.05 29.17
N PHE A 359 -0.72 19.54 29.79
CA PHE A 359 -1.51 20.25 30.79
C PHE A 359 -1.77 19.32 31.96
N PRO A 360 -2.12 19.88 33.12
CA PRO A 360 -2.37 19.04 34.30
C PRO A 360 -3.58 18.15 34.11
N ALA A 361 -3.62 17.08 34.92
CA ALA A 361 -4.70 16.11 34.81
C ALA A 361 -6.04 16.75 35.13
N ILE A 362 -6.07 17.67 36.09
CA ILE A 362 -7.34 18.29 36.48
C ILE A 362 -7.96 19.00 35.29
N MET A 363 -7.15 19.65 34.47
CA MET A 363 -7.66 20.31 33.27
C MET A 363 -8.16 19.27 32.27
N SER A 364 -9.14 19.69 31.45
CA SER A 364 -9.74 18.83 30.44
C SER A 364 -9.34 19.29 29.06
N GLN A 365 -9.23 18.33 28.14
CA GLN A 365 -8.77 18.65 26.79
C GLN A 365 -9.66 19.67 26.09
N PRO A 366 -10.98 19.57 26.13
CA PRO A 366 -11.79 20.60 25.45
C PRO A 366 -11.62 21.99 26.05
N ASP A 367 -11.69 22.10 27.37
CA ASP A 367 -11.52 23.40 28.02
C ASP A 367 -10.11 23.95 27.76
N VAL A 368 -9.11 23.07 27.80
CA VAL A 368 -7.73 23.50 27.55
C VAL A 368 -7.61 24.03 26.13
N LEU A 369 -8.14 23.29 25.15
CA LEU A 369 -8.09 23.77 23.77
C LEU A 369 -8.84 25.09 23.62
N LEU A 370 -9.94 25.26 24.35
CA LEU A 370 -10.69 26.50 24.25
C LEU A 370 -9.90 27.69 24.80
N LEU A 371 -9.30 27.54 25.98
CA LEU A 371 -8.59 28.72 26.49
C LEU A 371 -7.31 28.96 25.71
N VAL A 372 -6.75 27.91 25.10
CA VAL A 372 -5.62 28.08 24.18
C VAL A 372 -6.08 28.89 22.96
N GLN A 373 -7.26 28.57 22.44
CA GLN A 373 -7.86 29.36 21.38
C GLN A 373 -8.03 30.82 21.80
N GLU A 374 -8.46 31.06 23.04
CA GLU A 374 -8.60 32.44 23.51
C GLU A 374 -7.25 33.15 23.53
N CYS A 375 -6.23 32.50 24.07
CA CYS A 375 -4.89 33.08 24.09
C CYS A 375 -4.42 33.39 22.67
N LEU A 376 -4.73 32.53 21.71
CA LEU A 376 -4.36 32.80 20.33
C LEU A 376 -5.14 33.99 19.78
N LYS A 377 -6.42 34.11 20.17
CA LYS A 377 -7.21 35.28 19.78
C LYS A 377 -6.53 36.57 20.20
N ASN A 378 -6.19 36.72 21.48
CA ASN A 378 -5.72 38.03 21.94
C ASN A 378 -4.30 38.31 21.47
N SER A 379 -3.44 37.29 21.48
CA SER A 379 -2.03 37.49 21.15
C SER A 379 -1.87 38.04 19.74
N ASP A 380 -0.98 39.04 19.60
CA ASP A 380 -0.72 39.62 18.28
C ASP A 380 0.12 38.69 17.41
N SER A 381 0.94 37.83 18.03
CA SER A 381 1.86 36.99 17.25
C SER A 381 1.11 36.06 16.33
N PHE A 382 0.00 35.47 16.79
CA PHE A 382 -0.75 34.48 16.04
C PHE A 382 -2.01 35.13 15.47
N ILE A 383 -2.20 34.99 14.15
CA ILE A 383 -3.33 35.58 13.44
C ILE A 383 -3.85 34.57 12.44
N ASP A 384 -4.97 34.93 11.78
CA ASP A 384 -5.75 33.99 10.98
C ASP A 384 -6.00 32.70 11.76
N VAL A 385 -6.32 32.88 13.03
CA VAL A 385 -6.66 31.78 13.94
C VAL A 385 -8.08 31.30 13.72
N ASP A 386 -8.26 29.98 13.79
CA ASP A 386 -9.54 29.32 13.56
C ASP A 386 -9.74 28.22 14.59
N ALA A 387 -11.00 27.98 14.95
CA ALA A 387 -11.34 26.96 15.93
C ALA A 387 -10.96 25.57 15.45
N ASP A 388 -11.39 25.20 14.25
CA ASP A 388 -11.09 23.89 13.66
C ASP A 388 -11.29 22.75 14.66
N VAL A 395 -8.13 20.49 17.28
CA VAL A 395 -6.92 21.25 17.00
C VAL A 395 -7.27 22.72 16.75
N VAL A 396 -6.28 23.59 16.91
CA VAL A 396 -6.44 25.02 16.65
C VAL A 396 -5.44 25.38 15.56
N VAL A 397 -5.94 25.90 14.45
CA VAL A 397 -5.12 26.21 13.28
C VAL A 397 -4.97 27.72 13.17
N CYS A 398 -3.74 28.17 12.94
CA CYS A 398 -3.45 29.59 12.80
C CYS A 398 -2.35 29.77 11.76
N ARG A 399 -2.13 31.03 11.38
CA ARG A 399 -1.05 31.40 10.46
C ARG A 399 -0.09 32.30 11.22
N GLU A 400 1.17 31.88 11.32
CA GLU A 400 2.15 32.65 12.07
C GLU A 400 2.44 33.97 11.36
N LYS A 401 2.34 35.08 12.11
CA LYS A 401 2.46 36.40 11.50
C LYS A 401 3.88 36.68 11.04
N GLN A 402 4.88 36.36 11.86
CA GLN A 402 6.27 36.70 11.55
C GLN A 402 6.94 35.62 10.71
N SER A 403 6.99 34.39 11.21
CA SER A 403 7.59 33.30 10.44
C SER A 403 6.87 33.09 9.12
N GLY A 404 5.54 33.15 9.13
CA GLY A 404 4.76 32.94 7.93
C GLY A 404 4.43 31.50 7.61
N LEU A 405 4.62 30.59 8.55
CA LEU A 405 4.32 29.18 8.36
C LEU A 405 3.01 28.82 9.05
N LEU A 406 2.21 28.00 8.37
CA LEU A 406 0.98 27.50 8.97
C LEU A 406 1.29 26.75 10.25
N CYS A 407 0.51 27.00 11.30
CA CYS A 407 0.75 26.43 12.61
C CYS A 407 -0.51 25.71 13.10
N LYS A 408 -0.30 24.57 13.76
CA LYS A 408 -1.39 23.78 14.32
C LYS A 408 -1.06 23.39 15.74
N VAL A 409 -2.07 23.50 16.61
CA VAL A 409 -1.95 23.22 18.03
C VAL A 409 -2.89 22.07 18.37
N SER A 410 -2.41 21.14 19.20
CA SER A 410 -3.19 19.97 19.58
C SER A 410 -3.02 19.73 21.08
N ALA A 411 -4.00 19.03 21.65
CA ALA A 411 -3.98 18.61 23.03
C ALA A 411 -4.15 17.11 23.11
N GLY A 412 -3.56 16.50 24.14
CA GLY A 412 -3.56 15.05 24.20
C GLY A 412 -2.83 14.48 23.00
N ASN A 413 -3.49 13.57 22.28
CA ASN A 413 -2.93 12.98 21.08
C ASN A 413 -1.55 12.37 21.35
N GLU A 414 -1.43 11.72 22.51
CA GLU A 414 -0.14 11.16 22.92
C GLU A 414 0.37 10.11 21.94
N ASN A 415 -0.52 9.38 21.28
CA ASN A 415 -0.08 8.37 20.33
C ASN A 415 0.66 8.99 19.15
N ALA A 416 0.22 10.18 18.70
CA ALA A 416 0.91 10.84 17.59
C ALA A 416 2.35 11.17 17.99
N CYS A 417 2.55 11.71 19.19
CA CYS A 417 3.90 12.01 19.64
C CYS A 417 4.73 10.74 19.75
N LEU A 418 4.13 9.64 20.24
CA LEU A 418 4.88 8.40 20.34
C LEU A 418 5.35 7.92 18.97
N THR A 419 4.44 7.91 17.97
CA THR A 419 4.85 7.44 16.65
C THR A 419 5.89 8.37 16.04
N THR A 420 5.75 9.68 16.29
CA THR A 420 6.71 10.64 15.77
C THR A 420 8.09 10.40 16.36
N LYS A 421 8.18 10.15 17.66
CA LYS A 421 9.46 9.86 18.29
C LYS A 421 10.02 8.53 17.79
N HIS A 422 9.17 7.52 17.62
CA HIS A 422 9.64 6.24 17.09
C HIS A 422 10.25 6.42 15.71
N LEU A 423 9.58 7.18 14.84
CA LEU A 423 10.11 7.42 13.50
C LEU A 423 11.35 8.30 13.54
N THR A 424 11.42 9.26 14.46
CA THR A 424 12.63 10.06 14.62
C THR A 424 13.81 9.18 14.97
N ALA A 425 13.61 8.25 15.89
CA ALA A 425 14.68 7.32 16.25
C ALA A 425 15.06 6.44 15.06
N LEU A 426 14.06 5.89 14.37
CA LEU A 426 14.37 5.03 13.23
C LEU A 426 15.18 5.79 12.18
N GLY A 427 14.86 7.06 11.97
CA GLY A 427 15.65 7.88 11.06
C GLY A 427 17.06 8.12 11.58
N LYS A 428 17.19 8.38 12.88
CA LYS A 428 18.52 8.68 13.43
C LYS A 428 19.45 7.48 13.33
N LEU A 429 19.01 6.32 13.80
CA LEU A 429 19.85 5.12 13.70
C LEU A 429 20.05 4.69 12.26
N GLU A 430 19.02 4.80 11.41
CA GLU A 430 19.13 4.37 10.02
C GLU A 430 19.37 5.59 9.15
N PRO A 431 20.57 5.81 8.61
CA PRO A 431 20.78 7.02 7.79
C PRO A 431 20.07 6.97 6.46
N LYS A 432 19.98 5.80 5.83
CA LYS A 432 19.35 5.71 4.52
C LYS A 432 17.84 5.93 4.59
N LEU A 433 17.24 5.70 5.76
CA LEU A 433 15.79 5.80 5.88
C LEU A 433 15.29 7.19 5.56
N VAL A 434 15.97 8.22 6.09
CA VAL A 434 15.47 9.59 5.93
C VAL A 434 15.44 10.00 4.46
N PRO A 435 16.51 9.84 3.67
CA PRO A 435 16.41 10.17 2.25
C PRO A 435 15.31 9.40 1.53
N LEU A 436 15.16 8.11 1.83
CA LEU A 436 14.13 7.31 1.18
C LEU A 436 12.74 7.84 1.52
N VAL A 437 12.50 8.11 2.81
CA VAL A 437 11.20 8.62 3.22
C VAL A 437 10.93 9.98 2.58
N ILE A 438 11.94 10.84 2.51
CA ILE A 438 11.75 12.16 1.93
C ILE A 438 11.43 12.05 0.44
N ALA A 439 12.14 11.17 -0.27
CA ALA A 439 11.85 10.99 -1.70
C ALA A 439 10.46 10.44 -1.91
N PHE A 440 10.05 9.47 -1.09
CA PHE A 440 8.71 8.90 -1.22
C PHE A 440 7.64 9.95 -0.91
N ARG A 441 7.89 10.79 0.10
CA ARG A 441 6.98 11.88 0.40
C ARG A 441 6.89 12.88 -0.74
N TYR A 442 8.02 13.17 -1.38
CA TYR A 442 8.00 14.06 -2.53
C TYR A 442 7.21 13.45 -3.69
N TRP A 443 7.35 12.15 -3.90
CA TRP A 443 6.54 11.48 -4.92
C TRP A 443 5.06 11.61 -4.59
N ALA A 444 4.69 11.40 -3.33
CA ALA A 444 3.29 11.54 -2.94
C ALA A 444 2.80 12.96 -3.16
N LYS A 445 3.63 13.95 -2.82
CA LYS A 445 3.26 15.34 -3.03
C LYS A 445 3.03 15.64 -4.51
N LEU A 446 3.93 15.15 -5.37
CA LEU A 446 3.77 15.37 -6.81
C LEU A 446 2.49 14.71 -7.31
N CYS A 447 2.21 13.49 -6.86
CA CYS A 447 1.02 12.78 -7.31
C CYS A 447 -0.24 13.25 -6.58
N SER A 448 -0.11 14.07 -5.55
CA SER A 448 -1.20 14.61 -4.75
C SER A 448 -1.77 13.58 -3.79
N ILE A 449 -1.13 12.41 -3.65
CA ILE A 449 -1.62 11.42 -2.70
C ILE A 449 -1.40 11.90 -1.27
N ASP A 450 -0.46 12.84 -1.07
CA ASP A 450 -0.19 13.31 0.28
C ASP A 450 -1.37 14.10 0.85
N ARG A 451 -2.10 14.82 0.00
CA ARG A 451 -3.18 15.67 0.46
C ARG A 451 -4.32 14.83 1.01
N PRO A 452 -4.71 15.00 2.28
CA PRO A 452 -5.82 14.18 2.80
C PRO A 452 -7.18 14.58 2.26
N GLU A 453 -7.41 15.88 2.04
CA GLU A 453 -8.75 16.34 1.67
C GLU A 453 -9.21 15.76 0.34
N GLU A 454 -8.28 15.38 -0.53
CA GLU A 454 -8.59 14.82 -1.83
C GLU A 454 -8.74 13.30 -1.81
N GLY A 455 -8.72 12.69 -0.62
CA GLY A 455 -8.78 11.26 -0.50
C GLY A 455 -7.43 10.57 -0.46
N GLY A 456 -6.34 11.33 -0.48
CA GLY A 456 -5.02 10.73 -0.42
C GLY A 456 -4.64 10.31 0.98
N LEU A 457 -3.57 9.52 1.06
CA LEU A 457 -3.11 8.99 2.33
C LEU A 457 -2.43 10.10 3.15
N PRO A 458 -2.40 9.96 4.47
CA PRO A 458 -1.68 10.93 5.30
C PRO A 458 -0.19 10.87 5.05
N PRO A 459 0.55 11.93 5.40
CA PRO A 459 1.98 11.97 5.04
C PRO A 459 2.81 10.90 5.74
N TYR A 460 2.71 10.78 7.06
CA TYR A 460 3.57 9.84 7.79
C TYR A 460 3.25 8.38 7.46
N VAL A 461 2.10 8.12 6.82
CA VAL A 461 1.82 6.77 6.36
C VAL A 461 2.87 6.32 5.35
N PHE A 462 3.34 7.25 4.51
CA PHE A 462 4.39 6.93 3.55
C PHE A 462 5.69 6.56 4.26
N ALA A 463 6.04 7.29 5.33
CA ALA A 463 7.23 6.93 6.11
C ALA A 463 7.06 5.56 6.76
N LEU A 464 5.87 5.27 7.28
CA LEU A 464 5.61 3.96 7.85
C LEU A 464 5.80 2.87 6.80
N MET A 465 5.30 3.08 5.58
CA MET A 465 5.49 2.11 4.52
C MET A 465 6.95 1.96 4.17
N ALA A 466 7.71 3.06 4.17
CA ALA A 466 9.14 2.98 3.86
C ALA A 466 9.87 2.12 4.90
N ILE A 467 9.59 2.35 6.19
CA ILE A 467 10.25 1.56 7.22
C ILE A 467 9.81 0.10 7.13
N PHE A 468 8.54 -0.14 6.77
CA PHE A 468 8.08 -1.51 6.58
C PHE A 468 8.85 -2.19 5.46
N PHE A 469 9.05 -1.50 4.35
CA PHE A 469 9.86 -2.06 3.26
C PHE A 469 11.26 -2.38 3.73
N LEU A 470 11.90 -1.43 4.43
CA LEU A 470 13.26 -1.68 4.90
C LEU A 470 13.31 -2.89 5.84
N GLN A 471 12.27 -3.06 6.67
CA GLN A 471 12.23 -4.20 7.57
C GLN A 471 12.00 -5.51 6.84
N GLN A 472 11.22 -5.50 5.76
CA GLN A 472 10.81 -6.71 5.07
C GLN A 472 11.72 -7.08 3.90
N ARG A 473 12.83 -6.37 3.72
CA ARG A 473 13.78 -6.76 2.68
C ARG A 473 14.31 -8.17 2.95
N LYS A 474 14.93 -8.75 1.92
CA LYS A 474 15.49 -10.09 2.08
C LYS A 474 16.51 -10.12 3.22
N GLU A 475 17.35 -9.08 3.31
CA GLU A 475 18.23 -8.90 4.45
C GLU A 475 17.65 -7.77 5.30
N PRO A 476 17.02 -8.08 6.43
CA PRO A 476 16.31 -7.02 7.17
C PRO A 476 17.27 -5.98 7.72
N LEU A 477 16.99 -4.71 7.42
CA LEU A 477 17.80 -3.60 7.91
C LEU A 477 17.32 -3.06 9.25
N LEU A 478 16.04 -3.21 9.53
CA LEU A 478 15.44 -2.77 10.79
C LEU A 478 14.70 -3.92 11.44
N PRO A 479 14.61 -3.93 12.77
CA PRO A 479 13.97 -5.05 13.46
C PRO A 479 12.47 -4.85 13.62
N VAL A 480 11.81 -5.89 14.15
CA VAL A 480 10.38 -5.88 14.43
C VAL A 480 10.20 -5.79 15.93
N TYR A 481 9.27 -4.94 16.36
CA TYR A 481 9.04 -4.76 17.80
C TYR A 481 8.60 -6.07 18.46
N LEU A 482 7.80 -6.87 17.75
CA LEU A 482 7.34 -8.16 18.24
C LEU A 482 7.82 -9.25 17.30
N GLY A 483 8.35 -10.33 17.88
CA GLY A 483 8.87 -11.44 17.09
C GLY A 483 8.82 -12.72 17.88
N SER A 484 9.27 -13.80 17.23
CA SER A 484 9.28 -15.11 17.87
C SER A 484 10.19 -15.15 19.08
N TRP A 485 11.14 -14.23 19.19
CA TRP A 485 12.03 -14.21 20.35
C TRP A 485 11.25 -14.00 21.63
N ILE A 486 10.23 -13.13 21.59
CA ILE A 486 9.42 -12.89 22.77
C ILE A 486 8.74 -14.18 23.21
N GLU A 487 8.74 -14.43 24.51
CA GLU A 487 8.11 -15.63 25.06
C GLU A 487 6.61 -15.39 25.21
N GLY A 488 5.82 -16.34 24.70
CA GLY A 488 4.38 -16.23 24.73
C GLY A 488 3.77 -15.39 23.64
N PHE A 489 4.58 -14.85 22.73
CA PHE A 489 4.04 -14.03 21.65
C PHE A 489 3.24 -14.88 20.68
N SER A 490 2.12 -14.33 20.21
CA SER A 490 1.27 -15.02 19.25
C SER A 490 0.42 -13.98 18.52
N LEU A 491 -0.05 -14.37 17.33
CA LEU A 491 -0.91 -13.47 16.56
C LEU A 491 -2.24 -13.26 17.26
N SER A 492 -2.77 -14.28 17.91
CA SER A 492 -4.02 -14.14 18.65
C SER A 492 -3.89 -13.09 19.75
N LYS A 493 -2.73 -13.06 20.41
CA LYS A 493 -2.46 -12.11 21.47
C LYS A 493 -1.74 -10.85 20.96
N LEU A 494 -1.66 -10.67 19.65
CA LEU A 494 -0.98 -9.49 19.11
C LEU A 494 -1.64 -8.21 19.59
N GLY A 495 -2.97 -8.19 19.68
CA GLY A 495 -3.65 -7.01 20.20
C GLY A 495 -3.25 -6.68 21.62
N ASN A 496 -3.00 -7.72 22.43
CA ASN A 496 -2.58 -7.49 23.81
C ASN A 496 -1.26 -6.73 23.87
N PHE A 497 -0.35 -7.02 22.94
CA PHE A 497 0.93 -6.33 22.90
C PHE A 497 0.73 -4.84 22.59
N ASN A 498 1.68 -4.03 23.06
CA ASN A 498 1.67 -2.61 22.76
C ASN A 498 3.08 -2.06 22.96
N LEU A 499 3.32 -0.89 22.36
CA LEU A 499 4.59 -0.19 22.48
C LEU A 499 4.44 0.92 23.50
N GLN A 500 5.38 1.00 24.44
CA GLN A 500 5.29 1.90 25.57
C GLN A 500 6.08 3.19 25.39
N ASP A 501 7.38 3.09 25.11
CA ASP A 501 8.25 4.26 25.07
C ASP A 501 9.44 3.96 24.16
N ILE A 502 10.15 5.00 23.78
CA ILE A 502 11.29 4.91 22.87
C ILE A 502 12.55 5.28 23.64
N GLU A 503 13.56 4.43 23.56
CA GLU A 503 14.85 4.64 24.21
C GLU A 503 15.94 4.73 23.14
N LYS A 504 17.12 5.18 23.57
CA LYS A 504 18.26 5.28 22.67
C LYS A 504 18.73 3.89 22.28
N ASP A 505 18.60 3.56 20.99
CA ASP A 505 18.98 2.25 20.47
C ASP A 505 18.27 1.13 21.23
N VAL A 506 17.04 1.37 21.68
CA VAL A 506 16.28 0.40 22.42
C VAL A 506 14.80 0.76 22.32
N VAL A 507 13.93 -0.22 22.55
CA VAL A 507 12.49 -0.04 22.51
C VAL A 507 11.90 -0.72 23.74
N ILE A 508 10.69 -0.30 24.12
CA ILE A 508 9.96 -0.87 25.24
C ILE A 508 8.61 -1.38 24.75
N TRP A 509 8.23 -2.59 25.18
CA TRP A 509 6.94 -3.16 24.82
C TRP A 509 6.38 -3.82 26.07
N GLU A 510 5.05 -3.96 26.09
CA GLU A 510 4.38 -4.63 27.20
C GLU A 510 3.30 -5.56 26.66
N HIS A 511 3.01 -6.60 27.45
CA HIS A 511 1.99 -7.58 27.10
C HIS A 511 0.91 -7.60 28.17
N GLY A 535 9.78 -5.95 28.60
CA GLY A 535 10.89 -6.37 27.75
C GLY A 535 11.19 -5.32 26.70
N GLN A 536 12.41 -5.36 26.18
CA GLN A 536 12.90 -4.37 25.22
C GLN A 536 13.44 -5.04 23.97
N VAL A 537 13.42 -4.28 22.87
CA VAL A 537 13.99 -4.67 21.59
C VAL A 537 14.85 -3.52 21.07
N SER A 538 15.93 -3.87 20.37
CA SER A 538 16.80 -2.87 19.77
C SER A 538 16.09 -2.12 18.65
N LEU A 539 16.32 -0.81 18.58
CA LEU A 539 15.74 0.00 17.51
C LEU A 539 16.29 -0.39 16.15
N ILE A 540 17.58 -0.70 16.06
CA ILE A 540 18.24 -1.05 14.82
C ILE A 540 18.85 -2.43 14.96
N LEU A 541 18.76 -3.23 13.90
CA LEU A 541 19.27 -4.59 13.94
C LEU A 541 20.78 -4.59 14.11
N ASP A 542 21.27 -5.49 14.96
CA ASP A 542 22.69 -5.70 15.18
C ASP A 542 23.04 -7.09 14.67
N VAL A 543 23.68 -7.15 13.50
CA VAL A 543 23.98 -8.41 12.84
C VAL A 543 25.43 -8.40 12.38
N LYS A 544 26.00 -9.59 12.25
CA LYS A 544 27.36 -9.73 11.74
C LYS A 544 27.47 -9.20 10.32
N HIS A 545 28.29 -8.18 10.12
CA HIS A 545 28.54 -7.61 8.79
C HIS A 545 27.22 -7.22 8.12
N GLN A 546 26.45 -6.38 8.81
CA GLN A 546 25.15 -5.99 8.29
C GLN A 546 25.32 -5.28 6.95
N PRO A 547 24.49 -5.59 5.96
CA PRO A 547 24.69 -5.01 4.62
C PRO A 547 24.27 -3.55 4.56
N SER A 548 25.03 -2.76 3.81
CA SER A 548 24.72 -1.37 3.53
C SER A 548 24.73 -1.17 2.02
N VAL A 549 23.68 -0.56 1.48
CA VAL A 549 23.53 -0.40 0.04
C VAL A 549 23.10 1.04 -0.24
N PRO A 550 23.29 1.49 -1.47
CA PRO A 550 22.98 2.89 -1.80
C PRO A 550 21.50 3.20 -1.62
N VAL A 551 21.21 4.49 -1.37
CA VAL A 551 19.84 4.92 -1.16
C VAL A 551 19.00 4.66 -2.41
N GLY A 552 19.57 4.92 -3.59
CA GLY A 552 18.82 4.69 -4.81
C GLY A 552 18.43 3.24 -5.00
N GLN A 553 19.33 2.32 -4.65
CA GLN A 553 19.01 0.90 -4.71
C GLN A 553 17.85 0.57 -3.79
N LEU A 554 17.86 1.11 -2.57
CA LEU A 554 16.74 0.89 -1.66
C LEU A 554 15.45 1.47 -2.21
N TRP A 555 15.52 2.62 -2.90
CA TRP A 555 14.30 3.21 -3.45
C TRP A 555 13.72 2.35 -4.57
N VAL A 556 14.56 1.84 -5.48
CA VAL A 556 14.04 0.99 -6.54
C VAL A 556 13.49 -0.31 -5.93
N GLU A 557 14.18 -0.83 -4.90
CA GLU A 557 13.68 -2.04 -4.24
C GLU A 557 12.34 -1.78 -3.59
N LEU A 558 12.14 -0.60 -3.00
CA LEU A 558 10.85 -0.25 -2.42
C LEU A 558 9.77 -0.17 -3.49
N LEU A 559 10.11 0.43 -4.64
CA LEU A 559 9.16 0.49 -5.73
C LEU A 559 8.74 -0.90 -6.17
N ARG A 560 9.70 -1.81 -6.29
CA ARG A 560 9.38 -3.19 -6.64
C ARG A 560 8.57 -3.87 -5.53
N PHE A 561 8.91 -3.59 -4.27
CA PHE A 561 8.24 -4.23 -3.15
C PHE A 561 6.76 -3.88 -3.12
N TYR A 562 6.43 -2.61 -3.36
CA TYR A 562 5.04 -2.18 -3.21
C TYR A 562 4.25 -2.27 -4.52
N ALA A 563 4.87 -1.94 -5.66
CA ALA A 563 4.13 -1.98 -6.92
C ALA A 563 3.70 -3.40 -7.27
N LEU A 564 4.62 -4.36 -7.14
CA LEU A 564 4.37 -5.74 -7.57
C LEU A 564 4.50 -6.75 -6.44
N GLU A 565 5.60 -6.69 -5.67
CA GLU A 565 5.89 -7.75 -4.72
C GLU A 565 4.82 -7.84 -3.63
N PHE A 566 4.36 -6.71 -3.13
CA PHE A 566 3.45 -6.67 -1.99
C PHE A 566 2.02 -6.43 -2.48
N ASN A 567 1.12 -7.31 -2.07
CA ASN A 567 -0.31 -7.16 -2.37
C ASN A 567 -0.91 -6.30 -1.25
N LEU A 568 -1.14 -5.02 -1.56
CA LEU A 568 -1.67 -4.10 -0.56
C LEU A 568 -3.13 -4.39 -0.23
N ALA A 569 -3.81 -5.22 -1.02
CA ALA A 569 -5.25 -5.42 -0.86
C ALA A 569 -5.58 -6.12 0.45
N ASP A 570 -4.92 -7.25 0.73
CA ASP A 570 -5.32 -8.12 1.83
C ASP A 570 -4.19 -8.43 2.81
N LEU A 571 -3.04 -7.78 2.68
CA LEU A 571 -1.93 -7.94 3.63
C LEU A 571 -1.72 -6.63 4.38
N VAL A 572 -1.68 -6.71 5.71
CA VAL A 572 -1.49 -5.53 6.55
C VAL A 572 -0.03 -5.13 6.53
N ILE A 573 0.20 -3.82 6.53
CA ILE A 573 1.57 -3.29 6.66
C ILE A 573 1.82 -3.13 8.15
N SER A 574 2.22 -4.24 8.78
CA SER A 574 2.36 -4.32 10.23
C SER A 574 3.84 -4.25 10.59
N ILE A 575 4.28 -3.10 11.12
CA ILE A 575 5.66 -2.95 11.54
C ILE A 575 5.96 -3.82 12.75
N ARG A 576 4.99 -3.96 13.66
CA ARG A 576 5.26 -4.61 14.94
C ARG A 576 5.69 -6.05 14.77
N VAL A 577 5.03 -6.79 13.87
CA VAL A 577 5.22 -8.22 13.73
C VAL A 577 5.84 -8.50 12.37
N LYS A 578 6.84 -9.39 12.36
CA LYS A 578 7.48 -9.76 11.09
C LYS A 578 6.50 -10.42 10.15
N GLU A 579 5.65 -11.31 10.67
CA GLU A 579 4.64 -11.96 9.85
C GLU A 579 3.66 -10.93 9.29
N LEU A 580 3.24 -11.14 8.05
CA LEU A 580 2.28 -10.25 7.41
C LEU A 580 0.91 -10.51 8.01
N VAL A 581 0.42 -9.56 8.82
CA VAL A 581 -0.85 -9.74 9.50
C VAL A 581 -1.97 -9.79 8.47
N SER A 582 -2.84 -10.79 8.61
CA SER A 582 -3.99 -10.93 7.72
C SER A 582 -5.09 -9.95 8.11
N ARG A 583 -5.90 -9.55 7.12
CA ARG A 583 -7.03 -8.68 7.39
C ARG A 583 -8.03 -9.34 8.33
N GLU A 584 -8.27 -10.64 8.14
CA GLU A 584 -9.22 -11.36 8.98
C GLU A 584 -8.86 -11.23 10.46
N LEU A 585 -7.55 -11.17 10.76
CA LEU A 585 -7.13 -11.01 12.15
C LEU A 585 -7.64 -9.69 12.72
N LYS A 586 -7.54 -8.61 11.95
CA LYS A 586 -7.98 -7.29 12.38
C LYS A 586 -9.35 -6.91 11.86
N ASP A 587 -10.02 -7.80 11.12
CA ASP A 587 -11.37 -7.54 10.59
C ASP A 587 -11.39 -6.23 9.81
N TRP A 588 -10.41 -6.06 8.93
CA TRP A 588 -10.19 -4.82 8.22
C TRP A 588 -10.82 -4.89 6.83
N PRO A 589 -11.00 -3.74 6.15
CA PRO A 589 -11.86 -3.75 4.94
C PRO A 589 -11.40 -4.69 3.84
N LYS A 590 -10.09 -4.87 3.65
CA LYS A 590 -9.54 -5.67 2.56
C LYS A 590 -9.75 -5.01 1.19
N LYS A 591 -9.96 -3.69 1.15
CA LYS A 591 -10.36 -3.01 -0.07
C LYS A 591 -9.23 -2.23 -0.73
N ARG A 592 -8.52 -1.40 0.03
CA ARG A 592 -7.57 -0.45 -0.54
C ARG A 592 -6.30 -0.48 0.30
N ILE A 593 -5.42 0.50 0.04
CA ILE A 593 -4.13 0.55 0.74
C ILE A 593 -4.38 0.55 2.24
N ALA A 594 -3.59 -0.27 2.96
CA ALA A 594 -3.78 -0.48 4.39
C ALA A 594 -2.44 -0.37 5.10
N ILE A 595 -2.40 0.45 6.15
CA ILE A 595 -1.19 0.65 6.94
C ILE A 595 -1.56 0.55 8.41
N GLU A 596 -0.68 -0.09 9.19
CA GLU A 596 -0.88 -0.28 10.62
C GLU A 596 -0.04 0.72 11.40
N ASP A 597 -0.70 1.46 12.29
CA ASP A 597 0.02 2.43 13.11
C ASP A 597 0.89 1.70 14.13
N PRO A 598 2.14 2.15 14.36
CA PRO A 598 2.99 1.45 15.34
C PRO A 598 2.40 1.40 16.74
N TYR A 599 1.69 2.45 17.16
CA TYR A 599 1.15 2.53 18.51
C TYR A 599 -0.37 2.42 18.57
N SER A 600 -1.06 2.53 17.44
CA SER A 600 -2.52 2.46 17.38
C SER A 600 -2.89 1.22 16.55
N VAL A 601 -3.03 0.09 17.23
CA VAL A 601 -3.31 -1.17 16.52
C VAL A 601 -4.71 -1.15 15.92
N LYS A 602 -5.67 -0.54 16.62
CA LYS A 602 -7.06 -0.53 16.19
C LYS A 602 -7.38 0.60 15.21
N ARG A 603 -6.41 1.46 14.90
CA ARG A 603 -6.63 2.61 14.03
C ARG A 603 -6.16 2.29 12.63
N ASN A 604 -6.99 2.65 11.64
CA ASN A 604 -6.64 2.53 10.24
C ASN A 604 -6.23 3.91 9.74
N VAL A 605 -4.94 4.10 9.49
CA VAL A 605 -4.42 5.40 9.07
C VAL A 605 -4.69 5.68 7.60
N ALA A 606 -5.14 4.68 6.84
CA ALA A 606 -5.46 4.86 5.44
C ALA A 606 -6.96 5.04 5.19
N ARG A 607 -7.74 5.28 6.25
CA ARG A 607 -9.17 5.47 6.10
C ARG A 607 -9.48 6.66 5.20
N THR A 608 -8.59 7.65 5.11
CA THR A 608 -8.80 8.78 4.21
C THR A 608 -8.94 8.31 2.77
N LEU A 609 -8.31 7.19 2.43
CA LEU A 609 -8.44 6.58 1.10
C LEU A 609 -9.62 5.62 1.15
N ASN A 610 -10.81 6.14 0.83
CA ASN A 610 -12.04 5.38 0.90
C ASN A 610 -12.69 5.14 -0.45
N SER A 611 -12.02 5.51 -1.55
CA SER A 611 -12.57 5.39 -2.89
C SER A 611 -11.73 4.42 -3.70
N GLN A 612 -12.38 3.39 -4.25
CA GLN A 612 -11.65 2.42 -5.06
C GLN A 612 -10.96 3.05 -6.26
N PRO A 613 -11.58 3.97 -7.00
CA PRO A 613 -10.84 4.63 -8.09
C PRO A 613 -9.55 5.29 -7.62
N VAL A 614 -9.55 5.90 -6.44
CA VAL A 614 -8.32 6.50 -5.92
C VAL A 614 -7.30 5.41 -5.61
N PHE A 615 -7.76 4.27 -5.07
CA PHE A 615 -6.86 3.16 -4.79
C PHE A 615 -6.17 2.70 -6.08
N GLU A 616 -6.96 2.50 -7.14
CA GLU A 616 -6.39 2.14 -8.44
C GLU A 616 -5.44 3.22 -8.93
N TYR A 617 -5.76 4.49 -8.66
CA TYR A 617 -4.86 5.57 -9.04
C TYR A 617 -3.50 5.43 -8.37
N ILE A 618 -3.49 5.09 -7.08
CA ILE A 618 -2.22 4.90 -6.38
C ILE A 618 -1.46 3.72 -6.97
N LEU A 619 -2.14 2.60 -7.25
CA LEU A 619 -1.42 1.48 -7.85
C LEU A 619 -0.84 1.85 -9.21
N HIS A 620 -1.62 2.54 -10.03
CA HIS A 620 -1.13 2.93 -11.36
C HIS A 620 0.06 3.88 -11.23
N CYS A 621 0.00 4.82 -10.29
CA CYS A 621 1.12 5.73 -10.08
C CYS A 621 2.37 4.99 -9.66
N LEU A 622 2.23 4.04 -8.73
CA LEU A 622 3.39 3.27 -8.28
C LEU A 622 3.99 2.46 -9.41
N ARG A 623 3.14 1.81 -10.22
CA ARG A 623 3.64 1.01 -11.32
C ARG A 623 4.33 1.88 -12.37
N THR A 624 3.75 3.05 -12.66
CA THR A 624 4.38 3.96 -13.62
C THR A 624 5.71 4.47 -13.09
N THR A 625 5.80 4.76 -11.79
CA THR A 625 7.07 5.18 -11.21
C THR A 625 8.11 4.08 -11.33
N TYR A 626 7.71 2.83 -11.05
CA TYR A 626 8.64 1.71 -11.23
C TYR A 626 9.12 1.65 -12.66
N LYS A 627 8.20 1.72 -13.62
CA LYS A 627 8.58 1.63 -15.03
C LYS A 627 9.54 2.75 -15.42
N TYR A 628 9.26 3.97 -14.95
CA TYR A 628 10.13 5.10 -15.27
C TYR A 628 11.52 4.92 -14.68
N PHE A 629 11.59 4.46 -13.43
CA PHE A 629 12.86 4.30 -12.75
C PHE A 629 13.55 2.97 -13.04
N ALA A 630 12.90 2.08 -13.79
CA ALA A 630 13.50 0.79 -14.13
C ALA A 630 13.67 0.66 -15.64
N GLY B 136 -22.16 -18.51 -45.72
CA GLY B 136 -21.15 -18.51 -46.75
C GLY B 136 -19.82 -19.06 -46.26
N ASP B 137 -19.45 -18.69 -45.04
CA ASP B 137 -18.20 -19.14 -44.43
C ASP B 137 -18.52 -20.03 -43.24
N ARG B 138 -17.66 -21.03 -43.01
CA ARG B 138 -17.82 -21.92 -41.88
C ARG B 138 -17.66 -21.14 -40.58
N CYS B 139 -18.56 -21.42 -39.62
CA CYS B 139 -18.56 -20.66 -38.38
C CYS B 139 -17.35 -21.02 -37.53
N TYR B 140 -16.99 -20.09 -36.64
CA TYR B 140 -15.79 -20.28 -35.81
C TYR B 140 -15.94 -21.49 -34.91
N ASN B 141 -17.11 -21.69 -34.32
CA ASN B 141 -17.39 -22.81 -33.44
C ASN B 141 -18.54 -23.63 -34.03
N CYS B 142 -18.48 -24.95 -33.83
CA CYS B 142 -19.44 -25.97 -34.25
C CYS B 142 -19.47 -26.12 -35.78
N GLY B 143 -18.72 -25.33 -36.54
CA GLY B 143 -18.62 -25.52 -37.97
C GLY B 143 -19.94 -25.45 -38.72
N GLY B 144 -20.75 -24.45 -38.41
CA GLY B 144 -22.00 -24.25 -39.12
C GLY B 144 -21.95 -23.06 -40.05
N LEU B 145 -22.18 -23.29 -41.35
CA LEU B 145 -22.08 -22.22 -42.33
C LEU B 145 -23.13 -21.14 -42.07
N ASP B 146 -24.40 -21.52 -42.11
CA ASP B 146 -25.47 -20.53 -41.97
C ASP B 146 -25.52 -19.97 -40.55
N HIS B 147 -25.26 -20.80 -39.54
CA HIS B 147 -25.27 -20.34 -38.16
C HIS B 147 -24.03 -19.50 -37.89
N HIS B 148 -24.23 -18.34 -37.28
CA HIS B 148 -23.12 -17.55 -36.77
C HIS B 148 -22.68 -18.06 -35.41
N ALA B 149 -21.45 -17.72 -35.02
CA ALA B 149 -20.91 -18.22 -33.77
C ALA B 149 -21.76 -17.78 -32.58
N LYS B 150 -22.15 -16.52 -32.55
CA LYS B 150 -23.03 -16.05 -31.48
C LYS B 150 -24.39 -16.72 -31.55
N GLU B 151 -24.91 -16.93 -32.76
CA GLU B 151 -26.26 -17.49 -32.91
C GLU B 151 -26.30 -18.97 -32.54
N CYS B 152 -25.18 -19.67 -32.66
CA CYS B 152 -25.18 -21.11 -32.40
C CYS B 152 -25.59 -21.40 -30.97
N LYS B 153 -26.64 -22.22 -30.82
CA LYS B 153 -27.09 -22.70 -29.52
C LYS B 153 -26.92 -24.20 -29.37
N LEU B 154 -26.31 -24.87 -30.36
CA LEU B 154 -26.13 -26.30 -30.29
C LEU B 154 -25.06 -26.67 -29.28
N PRO B 155 -25.04 -27.93 -28.84
CA PRO B 155 -24.00 -28.34 -27.90
C PRO B 155 -22.63 -28.25 -28.53
N PRO B 156 -21.59 -28.05 -27.72
CA PRO B 156 -20.24 -27.89 -28.29
C PRO B 156 -19.81 -29.12 -29.07
N GLN B 157 -19.07 -28.89 -30.16
CA GLN B 157 -18.55 -29.93 -31.02
C GLN B 157 -17.05 -29.74 -31.21
N PRO B 158 -16.30 -30.82 -31.45
CA PRO B 158 -14.86 -30.65 -31.70
C PRO B 158 -14.59 -29.80 -32.93
N LYS B 159 -13.50 -29.05 -32.86
CA LYS B 159 -13.04 -28.24 -33.98
C LYS B 159 -12.25 -29.13 -34.93
N LYS B 160 -12.65 -29.16 -36.19
CA LYS B 160 -12.12 -30.07 -37.19
C LYS B 160 -11.64 -29.31 -38.42
N CYS B 161 -10.60 -29.83 -39.05
CA CYS B 161 -10.00 -29.18 -40.21
C CYS B 161 -10.95 -29.23 -41.39
N HIS B 162 -11.23 -28.06 -41.99
CA HIS B 162 -12.20 -28.00 -43.06
C HIS B 162 -11.67 -28.62 -44.35
N PHE B 163 -10.35 -28.54 -44.58
CA PHE B 163 -9.80 -28.98 -45.85
C PHE B 163 -10.03 -30.47 -46.08
N CYS B 164 -9.89 -31.28 -45.02
CA CYS B 164 -10.03 -32.73 -45.13
C CYS B 164 -11.00 -33.30 -44.10
N GLN B 165 -11.63 -32.46 -43.29
CA GLN B 165 -12.59 -32.92 -42.28
C GLN B 165 -11.94 -33.95 -41.35
N SER B 166 -10.68 -33.70 -40.98
CA SER B 166 -9.92 -34.64 -40.17
C SER B 166 -9.61 -34.03 -38.80
N ILE B 167 -9.97 -34.76 -37.73
CA ILE B 167 -9.63 -34.31 -36.39
C ILE B 167 -8.13 -34.42 -36.15
N SER B 168 -7.50 -35.49 -36.66
CA SER B 168 -6.08 -35.71 -36.38
C SER B 168 -5.21 -34.63 -37.00
N HIS B 169 -5.55 -34.20 -38.21
CA HIS B 169 -4.74 -33.25 -38.96
C HIS B 169 -5.40 -31.88 -38.98
N MET B 170 -4.64 -30.86 -38.59
CA MET B 170 -5.11 -29.49 -38.66
C MET B 170 -4.83 -28.91 -40.05
N VAL B 171 -5.06 -27.61 -40.19
CA VAL B 171 -4.84 -26.97 -41.49
C VAL B 171 -3.36 -27.04 -41.86
N ALA B 172 -2.47 -26.82 -40.89
CA ALA B 172 -1.03 -26.86 -41.18
C ALA B 172 -0.57 -28.28 -41.51
N SER B 173 -1.18 -29.28 -40.89
CA SER B 173 -0.78 -30.68 -41.07
C SER B 173 -1.65 -31.42 -42.10
N CYS B 174 -2.25 -30.71 -43.05
CA CYS B 174 -3.05 -31.38 -44.05
C CYS B 174 -2.18 -32.36 -44.84
N PRO B 175 -2.68 -33.56 -45.14
CA PRO B 175 -1.83 -34.53 -45.86
C PRO B 175 -1.35 -34.03 -47.21
N LEU B 176 -2.21 -33.31 -47.94
CA LEU B 176 -1.80 -32.80 -49.26
C LEU B 176 -0.73 -31.74 -49.13
N LYS B 177 -0.84 -30.88 -48.12
CA LYS B 177 0.11 -29.79 -47.92
C LYS B 177 1.54 -30.31 -47.88
ZN ZN D . -21.16 -22.21 -35.09
#